data_5EAU
#
_entry.id   5EAU
#
_cell.length_a   125.960
_cell.length_b   125.960
_cell.length_c   122.970
_cell.angle_alpha   90.00
_cell.angle_beta   90.00
_cell.angle_gamma   90.00
#
_symmetry.space_group_name_H-M   'P 41 21 2'
#
loop_
_entity.id
_entity.type
_entity.pdbx_description
1 polymer '5-EPI-ARISTOLOCHENE SYNTHASE'
2 non-polymer 'MAGNESIUM ION'
3 non-polymer 'TRIFLUOROFURNESYL DIPHOSPHATE'
4 water water
#
_entity_poly.entity_id   1
_entity_poly.type   'polypeptide(L)'
_entity_poly.pdbx_seq_one_letter_code
;MASAAVANYEEEIVRPVADFSPSLWGDQFLSFSIDNQVAEKYAKEIEALKEQTRNMLLATGMKLADTLNLIDTIERLGIS
YHFEKEIDDILDQIYNQNSNCNDLCTSALQFRLLRQHGFNISPEIFSKFQDENGKFKESLASDVLGLLNLYEASHVRTHA
DDILEDALAFSTIHLESAAPHLKSPLREQVTHALEQCLHKGVPRVETRFFISSIYDKEQSKNNVLLRFAKLDFNLLQMLH
KQELAQVSRWWKDLDFVTTLPYARDRVVECYFWALGVYFEPQYSQARVMLVKTISMISIVDDTFDAYGTVKELEAYTDAI
QRWDINEIDRLPDYMKISYKAILDLYKDYEKELSSAGRSHIVCHAIERMKEVVRNYNVESTWFIEGYTPPVSEYLSNALA
TTTYYYLATTSYLGMKSATEQDFEWLSKNPKILEASVIICRVIDDTATYEVEKSRGQIATGIECCMRDYGISTKEAMAKF
QNMAETAWKDINEGLLRPTPVSTEFLTPILNLARIVEVTYIHNLDGYTHPEKVLKPHIINLLVDSIKI
;
_entity_poly.pdbx_strand_id   A
#
# COMPACT_ATOMS: atom_id res chain seq x y z
N SER A 21 15.85 4.77 -19.07
CA SER A 21 15.29 3.50 -19.64
C SER A 21 13.82 3.65 -20.04
N PRO A 22 13.43 3.13 -21.22
CA PRO A 22 12.06 3.19 -21.75
C PRO A 22 11.09 2.13 -21.22
N SER A 23 9.80 2.37 -21.46
CA SER A 23 8.75 1.44 -21.04
C SER A 23 8.91 0.11 -21.77
N LEU A 24 8.87 -0.98 -21.04
CA LEU A 24 9.02 -2.31 -21.64
C LEU A 24 7.68 -2.97 -21.94
N TRP A 25 6.60 -2.20 -21.88
CA TRP A 25 5.27 -2.71 -22.13
C TRP A 25 4.81 -2.43 -23.54
N GLY A 26 5.29 -1.32 -24.10
CA GLY A 26 4.89 -0.92 -25.43
C GLY A 26 3.51 -0.31 -25.32
N ASP A 27 2.60 -0.75 -26.18
CA ASP A 27 1.23 -0.27 -26.19
C ASP A 27 0.30 -1.44 -25.86
N GLN A 28 0.88 -2.39 -25.11
CA GLN A 28 0.24 -3.61 -24.64
C GLN A 28 -1.09 -3.33 -23.94
N PHE A 29 -1.16 -2.22 -23.20
CA PHE A 29 -2.36 -1.85 -22.47
C PHE A 29 -3.10 -0.67 -23.07
N LEU A 30 -2.58 -0.10 -24.16
CA LEU A 30 -3.21 1.07 -24.79
C LEU A 30 -4.64 0.83 -25.27
N SER A 31 -4.94 -0.40 -25.63
CA SER A 31 -6.27 -0.73 -26.12
C SER A 31 -6.86 -1.98 -25.48
N PHE A 32 -8.02 -1.84 -24.84
CA PHE A 32 -8.71 -2.97 -24.23
C PHE A 32 -10.21 -2.90 -24.44
N SER A 33 -10.73 -3.90 -25.15
CA SER A 33 -12.15 -4.04 -25.46
C SER A 33 -12.74 -5.13 -24.56
N ILE A 34 -13.70 -4.73 -23.71
CA ILE A 34 -14.32 -5.68 -22.81
C ILE A 34 -15.34 -6.60 -23.48
N ASP A 35 -15.24 -7.89 -23.17
CA ASP A 35 -16.15 -8.89 -23.72
C ASP A 35 -17.46 -8.78 -22.95
N ASN A 36 -18.29 -7.85 -23.41
CA ASN A 36 -19.58 -7.53 -22.82
C ASN A 36 -20.44 -8.68 -22.31
N GLN A 37 -20.49 -9.77 -23.07
CA GLN A 37 -21.29 -10.92 -22.68
C GLN A 37 -20.62 -11.76 -21.59
N VAL A 38 -19.28 -11.79 -21.62
CA VAL A 38 -18.51 -12.53 -20.62
C VAL A 38 -18.70 -11.85 -19.27
N ALA A 39 -18.60 -10.53 -19.28
CA ALA A 39 -18.76 -9.71 -18.09
C ALA A 39 -20.12 -9.94 -17.44
N GLU A 40 -21.17 -9.98 -18.26
CA GLU A 40 -22.53 -10.20 -17.77
C GLU A 40 -22.70 -11.64 -17.26
N LYS A 41 -22.00 -12.57 -17.91
CA LYS A 41 -22.05 -13.98 -17.53
C LYS A 41 -21.45 -14.14 -16.14
N TYR A 42 -20.27 -13.56 -15.96
CA TYR A 42 -19.55 -13.59 -14.69
C TYR A 42 -20.31 -12.87 -13.59
N ALA A 43 -20.77 -11.65 -13.91
CA ALA A 43 -21.53 -10.84 -12.97
C ALA A 43 -22.79 -11.54 -12.49
N LYS A 44 -23.46 -12.26 -13.39
CA LYS A 44 -24.67 -12.96 -13.03
C LYS A 44 -24.43 -14.16 -12.13
N GLU A 45 -23.36 -14.91 -12.39
CA GLU A 45 -23.06 -16.07 -11.55
C GLU A 45 -22.53 -15.66 -10.17
N ILE A 46 -21.80 -14.53 -10.15
CA ILE A 46 -21.22 -14.01 -8.92
C ILE A 46 -22.30 -13.63 -7.90
N GLU A 47 -23.41 -13.07 -8.37
CA GLU A 47 -24.52 -12.70 -7.49
C GLU A 47 -25.04 -13.93 -6.76
N ALA A 48 -25.11 -15.05 -7.47
CA ALA A 48 -25.58 -16.31 -6.91
C ALA A 48 -24.54 -16.86 -5.93
N LEU A 49 -23.27 -16.79 -6.31
CA LEU A 49 -22.19 -17.27 -5.45
C LEU A 49 -22.03 -16.34 -4.27
N LYS A 50 -22.41 -15.08 -4.45
CA LYS A 50 -22.33 -14.08 -3.39
C LYS A 50 -23.36 -14.40 -2.30
N GLU A 51 -24.56 -14.81 -2.72
CA GLU A 51 -25.61 -15.15 -1.78
C GLU A 51 -25.30 -16.42 -1.00
N GLN A 52 -24.75 -17.42 -1.68
CA GLN A 52 -24.38 -18.68 -1.05
C GLN A 52 -23.36 -18.43 0.04
N THR A 53 -22.37 -17.60 -0.28
CA THR A 53 -21.30 -17.23 0.65
C THR A 53 -21.85 -16.46 1.85
N ARG A 54 -22.78 -15.54 1.58
CA ARG A 54 -23.39 -14.76 2.66
C ARG A 54 -24.04 -15.69 3.66
N ASN A 55 -24.82 -16.64 3.17
CA ASN A 55 -25.49 -17.61 4.04
C ASN A 55 -24.51 -18.50 4.78
N MET A 56 -23.30 -18.61 4.25
CA MET A 56 -22.25 -19.38 4.91
C MET A 56 -21.82 -18.57 6.15
N LEU A 57 -21.80 -17.25 6.01
CA LEU A 57 -21.44 -16.35 7.10
C LEU A 57 -22.58 -16.20 8.10
N LEU A 58 -23.79 -15.97 7.58
CA LEU A 58 -24.99 -15.81 8.41
C LEU A 58 -25.42 -17.15 8.98
N ALA A 59 -24.64 -18.18 8.71
CA ALA A 59 -24.94 -19.51 9.20
C ALA A 59 -24.84 -19.56 10.71
N THR A 60 -25.69 -20.37 11.32
CA THR A 60 -25.75 -20.53 12.78
C THR A 60 -25.22 -21.89 13.26
N GLY A 61 -24.62 -21.90 14.45
CA GLY A 61 -24.09 -23.13 15.02
C GLY A 61 -22.72 -23.52 14.49
N MET A 62 -21.76 -22.59 14.64
CA MET A 62 -20.40 -22.79 14.15
C MET A 62 -19.38 -22.55 15.27
N LYS A 63 -18.37 -23.42 15.36
CA LYS A 63 -17.32 -23.26 16.36
C LYS A 63 -16.61 -21.94 16.14
N LEU A 64 -15.79 -21.54 17.10
CA LEU A 64 -15.05 -20.30 16.95
C LEU A 64 -14.01 -20.50 15.84
N ALA A 65 -13.20 -21.56 15.97
CA ALA A 65 -12.16 -21.86 15.00
C ALA A 65 -12.67 -21.90 13.56
N ASP A 66 -13.87 -22.45 13.36
CA ASP A 66 -14.47 -22.54 12.04
C ASP A 66 -14.88 -21.20 11.49
N THR A 67 -15.48 -20.36 12.33
CA THR A 67 -15.93 -19.04 11.93
C THR A 67 -14.76 -18.14 11.53
N LEU A 68 -13.70 -18.19 12.33
CA LEU A 68 -12.51 -17.38 12.07
C LEU A 68 -11.81 -17.86 10.81
N ASN A 69 -11.90 -19.15 10.54
CA ASN A 69 -11.28 -19.73 9.35
C ASN A 69 -12.03 -19.34 8.09
N LEU A 70 -13.34 -19.21 8.23
CA LEU A 70 -14.20 -18.83 7.13
C LEU A 70 -13.88 -17.40 6.74
N ILE A 71 -13.89 -16.50 7.73
CA ILE A 71 -13.59 -15.09 7.53
C ILE A 71 -12.20 -14.92 6.88
N ASP A 72 -11.20 -15.58 7.46
CA ASP A 72 -9.82 -15.52 6.98
C ASP A 72 -9.70 -15.91 5.51
N THR A 73 -10.32 -17.03 5.14
CA THR A 73 -10.27 -17.52 3.77
C THR A 73 -10.96 -16.57 2.79
N ILE A 74 -12.14 -16.07 3.15
CA ILE A 74 -12.86 -15.14 2.29
C ILE A 74 -12.02 -13.89 2.07
N GLU A 75 -11.31 -13.47 3.12
CA GLU A 75 -10.45 -12.29 3.04
C GLU A 75 -9.23 -12.54 2.17
N ARG A 76 -8.58 -13.68 2.38
CA ARG A 76 -7.41 -14.03 1.59
C ARG A 76 -7.74 -14.25 0.12
N LEU A 77 -9.00 -14.59 -0.16
CA LEU A 77 -9.45 -14.82 -1.53
C LEU A 77 -9.82 -13.50 -2.21
N GLY A 78 -9.75 -12.41 -1.44
CA GLY A 78 -10.04 -11.09 -1.96
C GLY A 78 -11.49 -10.77 -2.23
N ILE A 79 -12.41 -11.51 -1.61
CA ILE A 79 -13.84 -11.29 -1.84
C ILE A 79 -14.57 -10.73 -0.63
N SER A 80 -13.85 -10.54 0.47
CA SER A 80 -14.44 -10.02 1.70
C SER A 80 -15.08 -8.64 1.59
N TYR A 81 -14.76 -7.90 0.54
CA TYR A 81 -15.31 -6.57 0.35
C TYR A 81 -16.82 -6.55 0.06
N HIS A 82 -17.40 -7.73 -0.15
CA HIS A 82 -18.83 -7.86 -0.41
C HIS A 82 -19.58 -8.06 0.90
N PHE A 83 -18.84 -8.51 1.92
CA PHE A 83 -19.43 -8.79 3.23
C PHE A 83 -18.81 -7.95 4.33
N GLU A 84 -18.67 -6.65 4.09
CA GLU A 84 -18.10 -5.75 5.09
C GLU A 84 -18.99 -5.78 6.32
N LYS A 85 -20.29 -5.73 6.08
CA LYS A 85 -21.33 -5.76 7.12
C LYS A 85 -21.29 -7.06 7.92
N GLU A 86 -21.47 -8.18 7.22
CA GLU A 86 -21.49 -9.50 7.84
C GLU A 86 -20.26 -9.80 8.69
N ILE A 87 -19.08 -9.64 8.11
CA ILE A 87 -17.80 -9.89 8.77
C ILE A 87 -17.60 -9.03 10.02
N ASP A 88 -18.03 -7.78 9.94
CA ASP A 88 -17.89 -6.87 11.06
C ASP A 88 -18.71 -7.36 12.24
N ASP A 89 -20.01 -7.56 12.01
CA ASP A 89 -20.92 -8.04 13.04
C ASP A 89 -20.41 -9.29 13.75
N ILE A 90 -19.86 -10.22 12.96
CA ILE A 90 -19.34 -11.46 13.50
C ILE A 90 -18.13 -11.25 14.38
N LEU A 91 -17.19 -10.43 13.92
CA LEU A 91 -15.98 -10.15 14.68
C LEU A 91 -16.28 -9.33 15.93
N ASP A 92 -17.34 -8.53 15.86
CA ASP A 92 -17.76 -7.70 16.98
C ASP A 92 -18.18 -8.59 18.14
N GLN A 93 -19.04 -9.58 17.85
CA GLN A 93 -19.48 -10.51 18.87
C GLN A 93 -18.31 -11.22 19.53
N ILE A 94 -17.43 -11.77 18.70
CA ILE A 94 -16.24 -12.49 19.18
C ILE A 94 -15.39 -11.63 20.12
N TYR A 95 -15.30 -10.34 19.80
CA TYR A 95 -14.54 -9.39 20.60
C TYR A 95 -15.15 -9.30 21.99
N ASN A 96 -16.45 -9.02 22.00
CA ASN A 96 -17.22 -8.90 23.23
C ASN A 96 -17.36 -10.20 24.03
N GLN A 97 -17.46 -11.33 23.34
CA GLN A 97 -17.65 -12.62 24.00
C GLN A 97 -16.35 -13.33 24.46
N ASN A 98 -15.25 -12.59 24.51
CA ASN A 98 -13.93 -13.10 24.92
C ASN A 98 -13.84 -14.62 25.10
N SER A 99 -13.14 -15.28 24.17
CA SER A 99 -12.99 -16.74 24.19
C SER A 99 -11.76 -17.29 24.90
N ASN A 100 -11.76 -18.62 25.06
CA ASN A 100 -10.68 -19.32 25.71
C ASN A 100 -10.26 -20.54 24.91
N CYS A 101 -9.67 -20.28 23.74
CA CYS A 101 -9.21 -21.36 22.87
C CYS A 101 -7.74 -21.59 23.19
N ASN A 102 -7.48 -22.66 23.94
CA ASN A 102 -6.12 -23.02 24.33
C ASN A 102 -5.27 -23.42 23.14
N ASP A 103 -5.83 -23.24 21.95
CA ASP A 103 -5.16 -23.56 20.71
C ASP A 103 -4.43 -22.30 20.25
N LEU A 104 -3.10 -22.37 20.13
CA LEU A 104 -2.30 -21.23 19.69
C LEU A 104 -2.81 -20.71 18.35
N CYS A 105 -3.08 -21.66 17.47
CA CYS A 105 -3.56 -21.40 16.13
C CYS A 105 -4.78 -20.48 16.07
N THR A 106 -5.84 -20.86 16.77
CA THR A 106 -7.09 -20.10 16.79
C THR A 106 -6.92 -18.78 17.54
N SER A 107 -6.08 -18.78 18.57
CA SER A 107 -5.83 -17.59 19.37
C SER A 107 -5.14 -16.50 18.55
N ALA A 108 -4.04 -16.88 17.89
CA ALA A 108 -3.28 -15.96 17.06
C ALA A 108 -4.12 -15.42 15.92
N LEU A 109 -4.95 -16.27 15.30
CA LEU A 109 -5.82 -15.86 14.21
C LEU A 109 -6.90 -14.93 14.73
N GLN A 110 -7.46 -15.26 15.90
CA GLN A 110 -8.50 -14.44 16.51
C GLN A 110 -7.92 -13.06 16.78
N PHE A 111 -6.70 -13.04 17.30
CA PHE A 111 -6.01 -11.80 17.62
C PHE A 111 -5.83 -10.92 16.39
N ARG A 112 -5.21 -11.48 15.35
CA ARG A 112 -4.97 -10.75 14.10
C ARG A 112 -6.21 -10.17 13.43
N LEU A 113 -7.22 -10.99 13.19
CA LEU A 113 -8.44 -10.53 12.53
C LEU A 113 -9.10 -9.35 13.25
N LEU A 114 -9.26 -9.48 14.55
CA LEU A 114 -9.87 -8.42 15.34
C LEU A 114 -9.02 -7.16 15.28
N ARG A 115 -7.73 -7.29 15.56
CA ARG A 115 -6.82 -6.16 15.52
C ARG A 115 -6.85 -5.44 14.17
N GLN A 116 -6.79 -6.22 13.08
CA GLN A 116 -6.82 -5.66 11.73
C GLN A 116 -8.13 -4.92 11.47
N HIS A 117 -9.16 -5.26 12.23
CA HIS A 117 -10.46 -4.62 12.10
C HIS A 117 -10.71 -3.51 13.12
N GLY A 118 -9.68 -3.19 13.90
CA GLY A 118 -9.80 -2.12 14.88
C GLY A 118 -10.26 -2.53 16.27
N PHE A 119 -10.49 -3.83 16.48
CA PHE A 119 -10.93 -4.31 17.79
C PHE A 119 -9.70 -4.49 18.66
N ASN A 120 -9.60 -3.65 19.68
CA ASN A 120 -8.48 -3.69 20.59
C ASN A 120 -8.54 -4.89 21.53
N ILE A 121 -8.36 -6.09 20.98
CA ILE A 121 -8.37 -7.28 21.80
C ILE A 121 -7.07 -7.35 22.59
N SER A 122 -7.17 -7.74 23.85
CA SER A 122 -6.01 -7.83 24.73
C SER A 122 -5.00 -8.90 24.31
N PRO A 123 -3.70 -8.58 24.38
CA PRO A 123 -2.63 -9.50 24.02
C PRO A 123 -2.34 -10.53 25.11
N GLU A 124 -3.14 -10.48 26.19
CA GLU A 124 -3.01 -11.41 27.32
C GLU A 124 -3.40 -12.81 26.90
N ILE A 125 -4.11 -12.91 25.78
CA ILE A 125 -4.56 -14.18 25.22
C ILE A 125 -3.37 -15.10 24.88
N PHE A 126 -2.18 -14.51 24.79
CA PHE A 126 -0.96 -15.26 24.47
C PHE A 126 -0.15 -15.69 25.69
N SER A 127 -0.47 -15.14 26.86
CA SER A 127 0.28 -15.50 28.07
C SER A 127 0.15 -16.98 28.43
N LYS A 128 -0.97 -17.59 28.04
CA LYS A 128 -1.19 -19.01 28.31
C LYS A 128 -0.24 -19.88 27.47
N PHE A 129 0.37 -19.26 26.45
CA PHE A 129 1.29 -19.95 25.54
C PHE A 129 2.76 -19.69 25.88
N GLN A 130 3.00 -18.95 26.96
CA GLN A 130 4.37 -18.67 27.38
C GLN A 130 4.59 -18.95 28.87
N ASP A 131 5.84 -19.26 29.21
CA ASP A 131 6.21 -19.58 30.58
C ASP A 131 6.13 -18.39 31.54
N GLU A 132 6.45 -18.64 32.81
CA GLU A 132 6.44 -17.61 33.85
C GLU A 132 7.38 -16.48 33.46
N ASN A 133 8.44 -16.85 32.77
CA ASN A 133 9.47 -15.94 32.29
C ASN A 133 8.91 -14.95 31.26
N GLY A 134 7.82 -15.32 30.59
CA GLY A 134 7.22 -14.45 29.60
C GLY A 134 7.64 -14.75 28.16
N LYS A 135 8.26 -15.91 27.96
CA LYS A 135 8.72 -16.33 26.64
C LYS A 135 7.92 -17.53 26.13
N PHE A 136 7.68 -17.57 24.83
CA PHE A 136 6.90 -18.64 24.22
C PHE A 136 7.43 -20.03 24.49
N LYS A 137 6.50 -20.91 24.91
CA LYS A 137 6.84 -22.29 25.20
C LYS A 137 7.35 -22.93 23.92
N GLU A 138 8.60 -23.40 23.95
CA GLU A 138 9.20 -24.04 22.79
C GLU A 138 8.61 -25.42 22.51
N SER A 139 7.66 -25.81 23.36
CA SER A 139 6.96 -27.08 23.21
C SER A 139 5.98 -26.94 22.04
N LEU A 140 5.75 -25.69 21.64
CA LEU A 140 4.84 -25.36 20.54
C LEU A 140 5.57 -25.33 19.19
N ALA A 141 6.87 -25.60 19.19
CA ALA A 141 7.68 -25.60 17.98
C ALA A 141 7.29 -26.69 16.97
N SER A 142 6.33 -27.52 17.32
CA SER A 142 5.86 -28.59 16.45
C SER A 142 4.42 -28.36 15.97
N ASP A 143 3.87 -27.19 16.29
CA ASP A 143 2.52 -26.81 15.89
C ASP A 143 2.71 -25.77 14.78
N VAL A 144 3.01 -26.26 13.58
CA VAL A 144 3.25 -25.41 12.41
C VAL A 144 2.12 -24.43 12.09
N LEU A 145 0.88 -24.89 12.17
CA LEU A 145 -0.27 -24.02 11.91
C LEU A 145 -0.38 -22.96 13.00
N GLY A 146 0.13 -23.29 14.19
CA GLY A 146 0.10 -22.36 15.30
C GLY A 146 1.19 -21.34 15.08
N LEU A 147 2.37 -21.82 14.69
CA LEU A 147 3.51 -20.95 14.43
C LEU A 147 3.21 -19.98 13.28
N LEU A 148 2.56 -20.48 12.23
CA LEU A 148 2.23 -19.65 11.07
C LEU A 148 1.25 -18.54 11.44
N ASN A 149 0.22 -18.88 12.20
CA ASN A 149 -0.76 -17.88 12.60
C ASN A 149 -0.18 -16.89 13.60
N LEU A 150 0.81 -17.36 14.36
CA LEU A 150 1.46 -16.51 15.34
C LEU A 150 2.37 -15.57 14.56
N TYR A 151 3.05 -16.12 13.56
CA TYR A 151 3.94 -15.36 12.70
C TYR A 151 3.17 -14.21 12.05
N GLU A 152 2.03 -14.52 11.46
CA GLU A 152 1.21 -13.48 10.83
C GLU A 152 0.69 -12.46 11.84
N ALA A 153 0.34 -12.93 13.04
CA ALA A 153 -0.17 -12.04 14.08
C ALA A 153 0.89 -11.08 14.60
N SER A 154 2.14 -11.54 14.63
CA SER A 154 3.26 -10.75 15.13
C SER A 154 3.48 -9.44 14.40
N HIS A 155 2.93 -9.32 13.19
CA HIS A 155 3.09 -8.10 12.40
C HIS A 155 1.99 -7.06 12.61
N VAL A 156 0.98 -7.41 13.39
CA VAL A 156 -0.12 -6.49 13.66
C VAL A 156 -0.02 -5.90 15.06
N ARG A 157 1.14 -6.02 15.69
CA ARG A 157 1.29 -5.49 17.05
C ARG A 157 1.51 -3.96 17.14
N THR A 158 1.33 -3.43 18.34
CA THR A 158 1.51 -2.01 18.63
C THR A 158 2.54 -1.88 19.75
N HIS A 159 2.71 -0.69 20.30
CA HIS A 159 3.67 -0.47 21.38
C HIS A 159 3.24 -1.04 22.74
N ALA A 160 1.97 -1.37 22.87
CA ALA A 160 1.44 -1.91 24.11
C ALA A 160 1.43 -3.44 24.13
N ASP A 161 2.01 -4.06 23.10
CA ASP A 161 2.01 -5.52 22.99
C ASP A 161 3.39 -6.16 23.14
N ASP A 162 4.12 -5.78 24.18
CA ASP A 162 5.46 -6.33 24.42
C ASP A 162 5.43 -7.81 24.77
N ILE A 163 4.25 -8.34 25.06
CA ILE A 163 4.12 -9.76 25.38
C ILE A 163 4.45 -10.52 24.08
N LEU A 164 4.24 -9.86 22.95
CA LEU A 164 4.52 -10.41 21.63
C LEU A 164 5.91 -10.03 21.17
N GLU A 165 6.72 -9.54 22.10
CA GLU A 165 8.09 -9.11 21.85
C GLU A 165 8.91 -9.99 20.92
N ASP A 166 8.99 -11.29 21.20
CA ASP A 166 9.77 -12.17 20.34
C ASP A 166 8.95 -13.25 19.61
N ALA A 167 7.69 -12.93 19.31
CA ALA A 167 6.81 -13.84 18.60
C ALA A 167 7.28 -14.03 17.14
N LEU A 168 7.87 -12.98 16.57
CA LEU A 168 8.37 -13.04 15.21
C LEU A 168 9.58 -13.94 15.10
N ALA A 169 10.58 -13.71 15.95
CA ALA A 169 11.81 -14.50 15.95
C ALA A 169 11.51 -15.97 16.24
N PHE A 170 10.62 -16.21 17.22
CA PHE A 170 10.22 -17.55 17.61
C PHE A 170 9.52 -18.30 16.48
N SER A 171 8.40 -17.76 16.01
CA SER A 171 7.65 -18.38 14.93
C SER A 171 8.47 -18.50 13.66
N THR A 172 9.32 -17.51 13.40
CA THR A 172 10.17 -17.51 12.21
C THR A 172 11.20 -18.65 12.17
N ILE A 173 11.99 -18.78 13.23
CA ILE A 173 13.04 -19.80 13.24
C ILE A 173 12.54 -21.25 13.14
N HIS A 174 11.36 -21.51 13.71
CA HIS A 174 10.79 -22.85 13.68
C HIS A 174 10.07 -23.16 12.37
N LEU A 175 9.51 -22.13 11.74
CA LEU A 175 8.83 -22.28 10.46
C LEU A 175 9.88 -22.60 9.41
N GLU A 176 11.03 -21.94 9.49
CA GLU A 176 12.12 -22.20 8.55
C GLU A 176 12.58 -23.63 8.70
N SER A 177 12.71 -24.08 9.95
CA SER A 177 13.14 -25.43 10.25
C SER A 177 12.14 -26.47 9.78
N ALA A 178 10.85 -26.16 9.95
CA ALA A 178 9.77 -27.06 9.57
C ALA A 178 9.45 -27.12 8.07
N ALA A 179 9.42 -25.96 7.43
CA ALA A 179 9.08 -25.81 6.01
C ALA A 179 9.46 -26.87 4.96
N PRO A 180 10.75 -27.23 4.85
CA PRO A 180 11.21 -28.22 3.87
C PRO A 180 10.43 -29.54 3.79
N HIS A 181 9.88 -29.99 4.91
CA HIS A 181 9.19 -31.26 4.93
C HIS A 181 7.68 -31.21 5.02
N LEU A 182 7.11 -30.03 4.85
CA LEU A 182 5.67 -29.88 4.92
C LEU A 182 5.04 -30.31 3.60
N LYS A 183 3.77 -30.70 3.65
CA LYS A 183 3.04 -31.11 2.45
C LYS A 183 2.61 -29.86 1.70
N SER A 184 2.26 -30.01 0.43
CA SER A 184 1.84 -28.89 -0.39
C SER A 184 0.31 -28.79 -0.34
N PRO A 185 -0.24 -27.56 -0.48
CA PRO A 185 0.45 -26.28 -0.67
C PRO A 185 0.89 -25.57 0.61
N LEU A 186 0.73 -26.21 1.76
CA LEU A 186 1.12 -25.61 3.04
C LEU A 186 2.56 -25.13 3.00
N ARG A 187 3.45 -25.96 2.46
CA ARG A 187 4.87 -25.61 2.36
C ARG A 187 5.08 -24.29 1.63
N GLU A 188 4.34 -24.09 0.54
CA GLU A 188 4.45 -22.87 -0.24
C GLU A 188 3.81 -21.67 0.46
N GLN A 189 2.79 -21.93 1.27
CA GLN A 189 2.14 -20.85 2.01
C GLN A 189 3.10 -20.36 3.10
N VAL A 190 3.79 -21.29 3.73
CA VAL A 190 4.74 -20.98 4.78
C VAL A 190 5.95 -20.26 4.21
N THR A 191 6.57 -20.85 3.19
CA THR A 191 7.76 -20.28 2.56
C THR A 191 7.47 -18.84 2.08
N HIS A 192 6.27 -18.63 1.55
CA HIS A 192 5.85 -17.32 1.06
C HIS A 192 5.68 -16.35 2.21
N ALA A 193 5.12 -16.84 3.32
CA ALA A 193 4.90 -16.02 4.51
C ALA A 193 6.23 -15.48 5.05
N LEU A 194 7.27 -16.32 5.04
CA LEU A 194 8.58 -15.91 5.52
C LEU A 194 9.20 -14.85 4.63
N GLU A 195 8.78 -14.79 3.37
CA GLU A 195 9.30 -13.81 2.42
C GLU A 195 8.41 -12.56 2.39
N GLN A 196 7.13 -12.75 2.68
CA GLN A 196 6.18 -11.65 2.69
C GLN A 196 4.99 -11.95 3.58
N CYS A 197 4.87 -11.23 4.70
CA CYS A 197 3.75 -11.45 5.61
C CYS A 197 2.48 -10.91 4.96
N LEU A 198 1.33 -11.34 5.48
CA LEU A 198 0.03 -10.93 4.94
C LEU A 198 -0.34 -9.48 5.23
N HIS A 199 -0.16 -9.06 6.47
CA HIS A 199 -0.51 -7.70 6.89
C HIS A 199 0.20 -6.54 6.18
N LYS A 200 1.45 -6.76 5.78
CA LYS A 200 2.24 -5.72 5.10
C LYS A 200 2.37 -5.92 3.58
N GLY A 201 1.52 -6.78 3.02
CA GLY A 201 1.54 -7.03 1.58
C GLY A 201 0.40 -6.35 0.87
N VAL A 202 0.54 -6.15 -0.45
CA VAL A 202 -0.50 -5.50 -1.26
C VAL A 202 -1.69 -6.46 -1.43
N PRO A 203 -2.91 -6.03 -1.07
CA PRO A 203 -4.13 -6.84 -1.17
C PRO A 203 -4.29 -7.70 -2.43
N ARG A 204 -4.30 -7.07 -3.60
CA ARG A 204 -4.45 -7.80 -4.86
C ARG A 204 -3.31 -8.78 -5.12
N VAL A 205 -2.09 -8.37 -4.80
CA VAL A 205 -0.93 -9.21 -5.00
C VAL A 205 -0.98 -10.47 -4.15
N GLU A 206 -1.42 -10.33 -2.90
CA GLU A 206 -1.53 -11.47 -2.00
C GLU A 206 -2.73 -12.35 -2.34
N THR A 207 -3.82 -11.70 -2.76
CA THR A 207 -5.03 -12.39 -3.16
C THR A 207 -4.72 -13.28 -4.37
N ARG A 208 -3.95 -12.72 -5.30
CA ARG A 208 -3.57 -13.44 -6.51
C ARG A 208 -2.83 -14.71 -6.14
N PHE A 209 -1.83 -14.58 -5.27
CA PHE A 209 -1.03 -15.70 -4.82
C PHE A 209 -1.84 -16.76 -4.08
N PHE A 210 -2.76 -16.32 -3.22
CA PHE A 210 -3.56 -17.25 -2.44
C PHE A 210 -4.48 -18.08 -3.33
N ILE A 211 -5.28 -17.42 -4.16
CA ILE A 211 -6.21 -18.09 -5.05
C ILE A 211 -5.49 -19.08 -5.95
N SER A 212 -4.55 -18.57 -6.74
CA SER A 212 -3.79 -19.37 -7.69
C SER A 212 -2.82 -20.42 -7.13
N SER A 213 -1.96 -20.03 -6.19
CA SER A 213 -0.97 -20.94 -5.63
C SER A 213 -1.32 -21.78 -4.39
N ILE A 214 -2.27 -21.34 -3.57
CA ILE A 214 -2.60 -22.09 -2.36
C ILE A 214 -3.96 -22.76 -2.36
N TYR A 215 -5.02 -21.95 -2.32
CA TYR A 215 -6.38 -22.47 -2.28
C TYR A 215 -6.78 -23.38 -3.44
N ASP A 216 -6.31 -23.06 -4.65
CA ASP A 216 -6.62 -23.85 -5.84
C ASP A 216 -6.04 -25.26 -5.74
N LYS A 217 -4.92 -25.37 -5.03
CA LYS A 217 -4.23 -26.65 -4.85
C LYS A 217 -4.56 -27.25 -3.49
N GLU A 218 -5.44 -26.59 -2.76
CA GLU A 218 -5.84 -27.06 -1.44
C GLU A 218 -6.83 -28.19 -1.64
N GLN A 219 -6.50 -29.35 -1.09
CA GLN A 219 -7.34 -30.52 -1.20
C GLN A 219 -8.68 -30.33 -0.46
N SER A 220 -8.63 -29.57 0.63
CA SER A 220 -9.82 -29.30 1.44
C SER A 220 -10.58 -28.04 1.01
N LYS A 221 -10.20 -27.48 -0.14
CA LYS A 221 -10.84 -26.27 -0.66
C LYS A 221 -12.36 -26.32 -0.75
N ASN A 222 -12.99 -25.15 -0.64
CA ASN A 222 -14.43 -25.05 -0.76
C ASN A 222 -14.66 -24.54 -2.18
N ASN A 223 -15.24 -25.40 -3.01
CA ASN A 223 -15.48 -25.10 -4.40
C ASN A 223 -16.32 -23.87 -4.67
N VAL A 224 -17.29 -23.60 -3.81
CA VAL A 224 -18.14 -22.42 -4.00
C VAL A 224 -17.31 -21.16 -3.85
N LEU A 225 -16.47 -21.13 -2.80
CA LEU A 225 -15.61 -19.98 -2.53
C LEU A 225 -14.48 -19.81 -3.55
N LEU A 226 -13.90 -20.92 -3.98
CA LEU A 226 -12.82 -20.86 -4.98
C LEU A 226 -13.33 -20.30 -6.30
N ARG A 227 -14.49 -20.78 -6.76
CA ARG A 227 -15.05 -20.32 -8.02
C ARG A 227 -15.44 -18.85 -7.89
N PHE A 228 -16.03 -18.49 -6.76
CA PHE A 228 -16.43 -17.10 -6.48
C PHE A 228 -15.19 -16.19 -6.55
N ALA A 229 -14.10 -16.66 -5.94
CA ALA A 229 -12.84 -15.92 -5.91
C ALA A 229 -12.21 -15.69 -7.27
N LYS A 230 -12.15 -16.74 -8.08
CA LYS A 230 -11.56 -16.65 -9.41
C LYS A 230 -12.36 -15.76 -10.35
N LEU A 231 -13.69 -15.89 -10.33
CA LEU A 231 -14.55 -15.09 -11.18
C LEU A 231 -14.46 -13.60 -10.85
N ASP A 232 -14.51 -13.29 -9.56
CA ASP A 232 -14.45 -11.91 -9.09
C ASP A 232 -13.14 -11.26 -9.49
N PHE A 233 -12.03 -11.93 -9.16
CA PHE A 233 -10.71 -11.42 -9.49
C PHE A 233 -10.62 -11.10 -10.98
N ASN A 234 -11.07 -12.03 -11.81
CA ASN A 234 -11.04 -11.86 -13.25
C ASN A 234 -11.97 -10.77 -13.75
N LEU A 235 -13.12 -10.61 -13.10
CA LEU A 235 -14.06 -9.59 -13.50
C LEU A 235 -13.52 -8.20 -13.16
N LEU A 236 -12.92 -8.06 -11.97
CA LEU A 236 -12.34 -6.78 -11.55
C LEU A 236 -11.15 -6.44 -12.44
N GLN A 237 -10.40 -7.46 -12.84
CA GLN A 237 -9.25 -7.26 -13.70
C GLN A 237 -9.68 -6.62 -15.03
N MET A 238 -10.89 -6.98 -15.50
CA MET A 238 -11.41 -6.41 -16.73
C MET A 238 -11.61 -4.92 -16.53
N LEU A 239 -12.07 -4.55 -15.34
CA LEU A 239 -12.30 -3.14 -14.99
C LEU A 239 -10.96 -2.42 -14.93
N HIS A 240 -9.99 -3.03 -14.26
CA HIS A 240 -8.67 -2.45 -14.14
C HIS A 240 -8.06 -2.23 -15.50
N LYS A 241 -8.19 -3.22 -16.37
CA LYS A 241 -7.64 -3.15 -17.73
C LYS A 241 -8.27 -2.03 -18.55
N GLN A 242 -9.55 -1.73 -18.28
CA GLN A 242 -10.25 -0.65 -18.97
C GLN A 242 -9.65 0.68 -18.51
N GLU A 243 -9.48 0.79 -17.20
CA GLU A 243 -8.93 1.98 -16.58
C GLU A 243 -7.51 2.28 -17.08
N LEU A 244 -6.64 1.28 -17.06
CA LEU A 244 -5.26 1.46 -17.51
C LEU A 244 -5.21 1.86 -18.98
N ALA A 245 -6.22 1.45 -19.74
CA ALA A 245 -6.31 1.78 -21.15
C ALA A 245 -6.61 3.27 -21.30
N GLN A 246 -7.66 3.73 -20.62
CA GLN A 246 -8.06 5.13 -20.63
C GLN A 246 -6.92 6.05 -20.21
N VAL A 247 -6.16 5.57 -19.22
CA VAL A 247 -5.01 6.30 -18.70
C VAL A 247 -3.85 6.29 -19.69
N SER A 248 -3.59 5.12 -20.29
CA SER A 248 -2.52 5.00 -21.27
C SER A 248 -2.79 5.89 -22.47
N ARG A 249 -4.06 6.14 -22.73
CA ARG A 249 -4.51 7.00 -23.83
C ARG A 249 -4.26 8.43 -23.43
N TRP A 250 -4.71 8.77 -22.22
CA TRP A 250 -4.54 10.11 -21.66
C TRP A 250 -3.07 10.50 -21.65
N TRP A 251 -2.22 9.56 -21.23
CA TRP A 251 -0.77 9.77 -21.15
C TRP A 251 -0.15 9.97 -22.52
N LYS A 252 -0.65 9.19 -23.48
CA LYS A 252 -0.20 9.21 -24.86
C LYS A 252 -0.60 10.54 -25.53
N ASP A 253 -1.80 11.02 -25.22
CA ASP A 253 -2.32 12.28 -25.76
C ASP A 253 -1.57 13.52 -25.25
N LEU A 254 -0.65 13.30 -24.30
CA LEU A 254 0.16 14.38 -23.74
C LEU A 254 1.54 14.30 -24.38
N ASP A 255 1.95 13.09 -24.71
CA ASP A 255 3.23 12.81 -25.35
C ASP A 255 4.46 13.42 -24.67
N PHE A 256 4.73 12.98 -23.44
CA PHE A 256 5.88 13.47 -22.70
C PHE A 256 7.13 12.64 -23.00
N VAL A 257 7.03 11.72 -23.96
CA VAL A 257 8.17 10.87 -24.30
C VAL A 257 9.05 11.50 -25.38
N THR A 258 8.44 12.37 -26.19
CA THR A 258 9.19 13.06 -27.23
C THR A 258 9.43 14.52 -26.87
N THR A 259 8.40 15.16 -26.29
CA THR A 259 8.49 16.57 -25.87
C THR A 259 9.38 16.76 -24.64
N LEU A 260 9.34 15.80 -23.72
CA LEU A 260 10.14 15.85 -22.49
C LEU A 260 10.86 14.50 -22.31
N PRO A 261 11.85 14.22 -23.17
CA PRO A 261 12.65 12.98 -23.18
C PRO A 261 13.49 12.64 -21.93
N TYR A 262 13.67 13.58 -21.01
CA TYR A 262 14.45 13.32 -19.80
C TYR A 262 13.61 12.58 -18.75
N ALA A 263 12.29 12.73 -18.86
CA ALA A 263 11.34 12.12 -17.94
C ALA A 263 11.07 10.64 -18.22
N ARG A 264 10.90 9.87 -17.15
CA ARG A 264 10.63 8.44 -17.20
C ARG A 264 9.27 8.10 -17.78
N ASP A 265 9.19 6.93 -18.43
CA ASP A 265 7.94 6.44 -19.00
C ASP A 265 7.55 5.24 -18.12
N ARG A 266 6.72 5.50 -17.11
CA ARG A 266 6.30 4.46 -16.16
C ARG A 266 4.82 4.54 -15.78
N VAL A 267 3.96 4.92 -16.72
CA VAL A 267 2.53 5.04 -16.44
C VAL A 267 1.92 3.74 -15.92
N VAL A 268 2.40 2.61 -16.43
CA VAL A 268 1.91 1.30 -16.02
C VAL A 268 2.21 1.09 -14.54
N GLU A 269 3.45 1.36 -14.13
CA GLU A 269 3.87 1.21 -12.74
C GLU A 269 3.09 2.15 -11.83
N CYS A 270 2.83 3.36 -12.33
CA CYS A 270 2.08 4.36 -11.57
C CYS A 270 0.67 3.86 -11.35
N TYR A 271 0.18 3.04 -12.26
CA TYR A 271 -1.16 2.49 -12.13
C TYR A 271 -1.16 1.36 -11.09
N PHE A 272 -0.08 0.59 -11.04
CA PHE A 272 0.04 -0.51 -10.07
C PHE A 272 -0.07 0.06 -8.66
N TRP A 273 0.50 1.24 -8.46
CA TRP A 273 0.45 1.90 -7.16
C TRP A 273 -0.96 2.36 -6.79
N ALA A 274 -1.66 2.93 -7.76
CA ALA A 274 -3.03 3.38 -7.52
C ALA A 274 -3.88 2.16 -7.19
N LEU A 275 -3.52 1.04 -7.79
CA LEU A 275 -4.20 -0.24 -7.60
C LEU A 275 -3.90 -0.85 -6.23
N GLY A 276 -2.72 -0.56 -5.70
CA GLY A 276 -2.34 -1.06 -4.39
C GLY A 276 -3.12 -0.32 -3.32
N VAL A 277 -3.42 0.95 -3.58
CA VAL A 277 -4.15 1.83 -2.65
C VAL A 277 -5.61 1.39 -2.51
N TYR A 278 -6.20 0.96 -3.62
CA TYR A 278 -7.56 0.42 -3.64
C TYR A 278 -7.83 -0.26 -4.96
N PHE A 279 -8.55 -1.37 -4.91
CA PHE A 279 -8.88 -2.16 -6.10
C PHE A 279 -10.38 -2.23 -6.37
N GLU A 280 -11.19 -1.94 -5.36
CA GLU A 280 -12.64 -1.98 -5.49
C GLU A 280 -13.16 -1.13 -6.63
N PRO A 281 -14.21 -1.61 -7.31
CA PRO A 281 -14.85 -0.91 -8.43
C PRO A 281 -15.48 0.41 -8.01
N GLN A 282 -15.90 0.52 -6.76
CA GLN A 282 -16.50 1.74 -6.25
C GLN A 282 -15.49 2.87 -6.20
N TYR A 283 -14.21 2.50 -6.17
CA TYR A 283 -13.11 3.47 -6.12
C TYR A 283 -12.49 3.66 -7.51
N SER A 284 -13.29 3.39 -8.54
CA SER A 284 -12.85 3.51 -9.92
C SER A 284 -12.34 4.90 -10.28
N GLN A 285 -13.16 5.91 -10.05
CA GLN A 285 -12.81 7.30 -10.35
C GLN A 285 -11.57 7.77 -9.56
N ALA A 286 -11.54 7.45 -8.27
CA ALA A 286 -10.42 7.83 -7.41
C ALA A 286 -9.11 7.29 -7.93
N ARG A 287 -9.11 6.00 -8.25
CA ARG A 287 -7.95 5.30 -8.76
C ARG A 287 -7.40 5.94 -10.04
N VAL A 288 -8.31 6.39 -10.91
CA VAL A 288 -7.90 7.02 -12.15
C VAL A 288 -7.35 8.41 -11.86
N MET A 289 -8.01 9.15 -10.98
CA MET A 289 -7.55 10.48 -10.60
C MET A 289 -6.17 10.35 -9.95
N LEU A 290 -5.99 9.31 -9.16
CA LEU A 290 -4.74 9.06 -8.45
C LEU A 290 -3.58 8.74 -9.38
N VAL A 291 -3.77 7.79 -10.30
CA VAL A 291 -2.71 7.41 -11.22
C VAL A 291 -2.22 8.62 -12.02
N LYS A 292 -3.15 9.52 -12.36
CA LYS A 292 -2.79 10.72 -13.12
C LYS A 292 -1.87 11.62 -12.31
N THR A 293 -2.17 11.77 -11.02
CA THR A 293 -1.36 12.59 -10.13
C THR A 293 0.01 11.96 -9.94
N ILE A 294 0.06 10.64 -9.76
CA ILE A 294 1.33 9.95 -9.56
C ILE A 294 2.26 10.12 -10.77
N SER A 295 1.67 10.02 -11.96
CA SER A 295 2.42 10.17 -13.20
C SER A 295 2.91 11.60 -13.40
N MET A 296 2.06 12.55 -13.06
CA MET A 296 2.37 13.97 -13.18
C MET A 296 3.52 14.40 -12.27
N ILE A 297 3.42 14.05 -10.99
CA ILE A 297 4.48 14.40 -10.04
C ILE A 297 5.75 13.60 -10.31
N SER A 298 5.63 12.55 -11.10
CA SER A 298 6.77 11.72 -11.47
C SER A 298 7.64 12.53 -12.43
N ILE A 299 6.98 13.40 -13.21
CA ILE A 299 7.67 14.28 -14.18
C ILE A 299 8.36 15.41 -13.42
N VAL A 300 7.64 16.01 -12.48
CA VAL A 300 8.19 17.09 -11.67
C VAL A 300 9.44 16.60 -10.94
N ASP A 301 9.42 15.36 -10.47
CA ASP A 301 10.55 14.79 -9.75
C ASP A 301 11.78 14.77 -10.66
N ASP A 302 11.65 14.10 -11.80
CA ASP A 302 12.74 13.99 -12.76
C ASP A 302 13.23 15.36 -13.21
N THR A 303 12.36 16.36 -13.15
CA THR A 303 12.69 17.73 -13.53
C THR A 303 13.73 18.29 -12.57
N PHE A 304 13.63 17.92 -11.29
CA PHE A 304 14.55 18.38 -10.27
C PHE A 304 15.77 17.47 -10.14
N ASP A 305 15.57 16.18 -10.38
CA ASP A 305 16.61 15.16 -10.25
C ASP A 305 17.63 14.99 -11.37
N ALA A 306 17.15 14.87 -12.59
CA ALA A 306 18.03 14.65 -13.75
C ALA A 306 18.29 15.89 -14.60
N TYR A 307 17.24 16.63 -14.89
CA TYR A 307 17.34 17.84 -15.71
C TYR A 307 17.28 19.10 -14.84
N GLY A 308 16.94 20.23 -15.48
CA GLY A 308 16.81 21.50 -14.80
C GLY A 308 17.99 22.05 -14.01
N THR A 309 18.31 23.31 -14.24
CA THR A 309 19.39 23.98 -13.54
C THR A 309 18.84 24.72 -12.32
N VAL A 310 19.72 25.07 -11.40
CA VAL A 310 19.37 25.77 -10.17
C VAL A 310 18.45 26.95 -10.45
N LYS A 311 18.90 27.83 -11.34
CA LYS A 311 18.14 29.01 -11.72
C LYS A 311 16.77 28.61 -12.28
N GLU A 312 16.74 27.57 -13.11
CA GLU A 312 15.51 27.08 -13.71
C GLU A 312 14.51 26.51 -12.70
N LEU A 313 15.02 25.73 -11.75
CA LEU A 313 14.18 25.11 -10.73
C LEU A 313 13.51 26.11 -9.77
N GLU A 314 14.18 27.23 -9.48
CA GLU A 314 13.62 28.24 -8.58
C GLU A 314 12.39 28.91 -9.20
N ALA A 315 12.47 29.12 -10.52
CA ALA A 315 11.37 29.74 -11.25
C ALA A 315 10.19 28.78 -11.32
N TYR A 316 10.49 27.48 -11.40
CA TYR A 316 9.46 26.45 -11.45
C TYR A 316 8.76 26.41 -10.10
N THR A 317 9.57 26.33 -9.03
CA THR A 317 9.07 26.29 -7.65
C THR A 317 8.16 27.49 -7.41
N ASP A 318 8.68 28.66 -7.77
CA ASP A 318 7.97 29.91 -7.62
C ASP A 318 6.63 29.91 -8.34
N ALA A 319 6.63 29.48 -9.59
CA ALA A 319 5.42 29.44 -10.41
C ALA A 319 4.35 28.55 -9.80
N ILE A 320 4.77 27.40 -9.29
CA ILE A 320 3.85 26.45 -8.65
C ILE A 320 3.15 27.09 -7.46
N GLN A 321 3.90 27.83 -6.65
CA GLN A 321 3.34 28.51 -5.47
C GLN A 321 2.27 29.55 -5.86
N ARG A 322 2.53 30.28 -6.95
CA ARG A 322 1.57 31.27 -7.42
C ARG A 322 0.37 30.59 -8.05
N TRP A 323 0.63 29.55 -8.87
CA TRP A 323 -0.43 28.77 -9.52
C TRP A 323 -1.37 29.62 -10.38
N ASP A 324 -0.87 30.08 -11.53
CA ASP A 324 -1.65 30.89 -12.47
C ASP A 324 -0.97 30.79 -13.83
N ILE A 325 -1.76 30.57 -14.87
CA ILE A 325 -1.22 30.46 -16.22
C ILE A 325 -0.36 31.67 -16.64
N ASN A 326 -0.63 32.83 -16.06
CA ASN A 326 0.13 34.04 -16.38
C ASN A 326 1.62 33.90 -16.10
N GLU A 327 1.99 32.89 -15.31
CA GLU A 327 3.38 32.65 -14.95
C GLU A 327 4.17 31.81 -15.94
N ILE A 328 3.50 31.25 -16.94
CA ILE A 328 4.17 30.39 -17.92
C ILE A 328 5.33 31.07 -18.66
N ASP A 329 5.10 32.29 -19.12
CA ASP A 329 6.09 33.07 -19.87
C ASP A 329 7.44 33.13 -19.18
N ARG A 330 7.41 33.22 -17.85
CA ARG A 330 8.62 33.29 -17.04
C ARG A 330 9.41 31.98 -17.04
N LEU A 331 8.77 30.91 -17.50
CA LEU A 331 9.40 29.60 -17.52
C LEU A 331 9.98 29.20 -18.87
N PRO A 332 11.04 28.38 -18.86
CA PRO A 332 11.68 27.92 -20.10
C PRO A 332 10.65 27.09 -20.83
N ASP A 333 10.77 27.01 -22.13
CA ASP A 333 9.80 26.27 -22.95
C ASP A 333 9.45 24.86 -22.49
N TYR A 334 10.43 24.09 -22.04
CA TYR A 334 10.13 22.73 -21.60
C TYR A 334 9.34 22.67 -20.30
N MET A 335 9.62 23.60 -19.39
CA MET A 335 8.90 23.65 -18.12
C MET A 335 7.50 24.22 -18.33
N LYS A 336 7.29 24.85 -19.48
CA LYS A 336 5.97 25.40 -19.83
C LYS A 336 5.01 24.25 -20.07
N ILE A 337 5.54 23.18 -20.68
CA ILE A 337 4.77 21.99 -21.00
C ILE A 337 4.24 21.33 -19.72
N SER A 338 5.16 20.99 -18.81
CA SER A 338 4.82 20.36 -17.54
C SER A 338 3.81 21.22 -16.79
N TYR A 339 4.20 22.46 -16.53
CA TYR A 339 3.37 23.42 -15.82
C TYR A 339 1.94 23.53 -16.32
N LYS A 340 1.75 23.65 -17.64
CA LYS A 340 0.41 23.77 -18.19
C LYS A 340 -0.40 22.50 -17.99
N ALA A 341 0.26 21.35 -18.10
CA ALA A 341 -0.38 20.06 -17.92
C ALA A 341 -0.89 19.89 -16.49
N ILE A 342 -0.12 20.42 -15.54
CA ILE A 342 -0.44 20.35 -14.11
C ILE A 342 -1.72 21.10 -13.75
N LEU A 343 -1.92 22.28 -14.30
CA LEU A 343 -3.13 23.05 -14.01
C LEU A 343 -4.35 22.46 -14.70
N ASP A 344 -4.17 21.96 -15.91
CA ASP A 344 -5.25 21.35 -16.68
C ASP A 344 -5.77 20.15 -15.91
N LEU A 345 -4.84 19.36 -15.40
CA LEU A 345 -5.17 18.16 -14.64
C LEU A 345 -6.09 18.53 -13.48
N TYR A 346 -5.68 19.50 -12.69
CA TYR A 346 -6.49 19.94 -11.56
C TYR A 346 -7.77 20.62 -12.05
N LYS A 347 -7.75 21.11 -13.28
CA LYS A 347 -8.91 21.73 -13.89
C LYS A 347 -9.86 20.59 -14.28
N ASP A 348 -9.28 19.48 -14.70
CA ASP A 348 -10.05 18.29 -15.08
C ASP A 348 -10.72 17.70 -13.83
N TYR A 349 -9.97 17.68 -12.73
CA TYR A 349 -10.45 17.16 -11.45
C TYR A 349 -11.67 17.93 -10.94
N GLU A 350 -11.61 19.26 -11.03
CA GLU A 350 -12.71 20.12 -10.58
C GLU A 350 -13.97 19.87 -11.39
N LYS A 351 -13.81 19.56 -12.68
CA LYS A 351 -14.94 19.30 -13.56
C LYS A 351 -15.62 17.98 -13.20
N GLU A 352 -14.82 16.93 -12.99
CA GLU A 352 -15.34 15.62 -12.63
C GLU A 352 -16.14 15.70 -11.33
N LEU A 353 -15.59 16.44 -10.38
CA LEU A 353 -16.20 16.62 -9.06
C LEU A 353 -17.37 17.62 -9.04
N SER A 354 -17.57 18.34 -10.13
CA SER A 354 -18.66 19.32 -10.24
C SER A 354 -20.02 18.65 -10.10
N SER A 355 -20.19 17.53 -10.78
CA SER A 355 -21.42 16.76 -10.77
C SER A 355 -21.85 16.43 -9.33
N ALA A 356 -20.91 15.93 -8.54
CA ALA A 356 -21.19 15.58 -7.15
C ALA A 356 -21.33 16.82 -6.27
N GLY A 357 -20.69 17.92 -6.70
CA GLY A 357 -20.74 19.15 -5.94
C GLY A 357 -19.61 19.19 -4.93
N ARG A 358 -18.57 18.41 -5.21
CA ARG A 358 -17.38 18.30 -4.35
C ARG A 358 -16.17 18.91 -5.05
N SER A 359 -16.42 19.81 -5.99
CA SER A 359 -15.37 20.45 -6.76
C SER A 359 -14.31 21.18 -5.95
N HIS A 360 -14.74 21.77 -4.84
CA HIS A 360 -13.87 22.55 -3.95
C HIS A 360 -12.71 21.82 -3.27
N ILE A 361 -12.89 20.53 -2.99
CA ILE A 361 -11.86 19.75 -2.31
C ILE A 361 -10.52 19.65 -3.04
N VAL A 362 -10.51 20.01 -4.32
CA VAL A 362 -9.28 19.96 -5.12
C VAL A 362 -8.12 20.73 -4.50
N CYS A 363 -8.42 21.89 -3.94
CA CYS A 363 -7.39 22.75 -3.34
C CYS A 363 -6.48 22.04 -2.33
N HIS A 364 -7.04 21.10 -1.57
CA HIS A 364 -6.27 20.34 -0.59
C HIS A 364 -5.11 19.59 -1.22
N ALA A 365 -5.36 18.95 -2.36
CA ALA A 365 -4.33 18.22 -3.07
C ALA A 365 -3.31 19.21 -3.62
N ILE A 366 -3.81 20.33 -4.15
CA ILE A 366 -2.97 21.38 -4.73
C ILE A 366 -1.96 21.94 -3.71
N GLU A 367 -2.45 22.23 -2.51
CA GLU A 367 -1.61 22.77 -1.43
C GLU A 367 -0.50 21.79 -1.04
N ARG A 368 -0.78 20.50 -1.18
CA ARG A 368 0.19 19.47 -0.86
C ARG A 368 1.26 19.36 -1.94
N MET A 369 0.86 19.54 -3.19
CA MET A 369 1.79 19.47 -4.31
C MET A 369 2.82 20.59 -4.19
N LYS A 370 2.34 21.79 -3.83
CA LYS A 370 3.21 22.94 -3.64
C LYS A 370 4.27 22.59 -2.60
N GLU A 371 3.82 21.91 -1.54
CA GLU A 371 4.68 21.49 -0.44
C GLU A 371 5.76 20.53 -0.92
N VAL A 372 5.40 19.65 -1.84
CA VAL A 372 6.35 18.68 -2.39
C VAL A 372 7.40 19.43 -3.22
N VAL A 373 6.91 20.28 -4.13
CA VAL A 373 7.78 21.06 -5.02
C VAL A 373 8.70 21.95 -4.19
N ARG A 374 8.13 22.67 -3.24
CA ARG A 374 8.87 23.55 -2.36
C ARG A 374 10.06 22.78 -1.75
N ASN A 375 9.79 21.54 -1.34
CA ASN A 375 10.80 20.67 -0.74
C ASN A 375 11.74 20.04 -1.76
N TYR A 376 11.28 19.93 -3.01
CA TYR A 376 12.11 19.37 -4.08
C TYR A 376 13.24 20.37 -4.35
N ASN A 377 12.86 21.64 -4.35
CA ASN A 377 13.79 22.74 -4.59
C ASN A 377 14.82 22.80 -3.48
N VAL A 378 14.37 22.58 -2.26
CA VAL A 378 15.27 22.57 -1.12
C VAL A 378 16.29 21.45 -1.26
N GLU A 379 15.82 20.28 -1.71
CA GLU A 379 16.67 19.11 -1.90
C GLU A 379 17.84 19.38 -2.84
N SER A 380 17.55 20.06 -3.96
CA SER A 380 18.59 20.39 -4.94
C SER A 380 19.58 21.40 -4.37
N THR A 381 19.05 22.38 -3.63
CA THR A 381 19.87 23.41 -2.98
C THR A 381 20.93 22.72 -2.13
N TRP A 382 20.51 21.73 -1.33
CA TRP A 382 21.41 20.97 -0.47
C TRP A 382 22.42 20.15 -1.27
N PHE A 383 22.02 19.73 -2.47
CA PHE A 383 22.89 18.93 -3.31
C PHE A 383 24.08 19.75 -3.83
N ILE A 384 23.79 20.96 -4.30
CA ILE A 384 24.80 21.87 -4.85
C ILE A 384 25.82 22.31 -3.79
N GLU A 385 25.33 22.68 -2.62
CA GLU A 385 26.18 23.13 -1.52
C GLU A 385 27.03 22.02 -0.94
N GLY A 386 26.58 20.78 -1.11
CA GLY A 386 27.30 19.65 -0.55
C GLY A 386 26.96 19.59 0.93
N TYR A 387 25.72 19.94 1.24
CA TYR A 387 25.21 19.98 2.60
C TYR A 387 24.82 18.62 3.15
N THR A 388 25.23 18.33 4.37
CA THR A 388 24.91 17.07 5.04
C THR A 388 24.30 17.42 6.41
N PRO A 389 22.99 17.74 6.44
CA PRO A 389 22.28 18.12 7.67
C PRO A 389 22.11 17.02 8.72
N PRO A 390 21.70 17.41 9.93
CA PRO A 390 21.49 16.43 11.00
C PRO A 390 20.15 15.75 10.67
N VAL A 391 19.97 14.52 11.15
CA VAL A 391 18.74 13.76 10.87
C VAL A 391 17.45 14.57 11.09
N SER A 392 17.40 15.28 12.21
CA SER A 392 16.23 16.09 12.56
C SER A 392 15.85 17.03 11.42
N GLU A 393 16.85 17.76 10.91
CA GLU A 393 16.60 18.69 9.82
C GLU A 393 16.35 17.96 8.51
N TYR A 394 17.11 16.90 8.26
CA TYR A 394 16.97 16.11 7.05
C TYR A 394 15.52 15.63 6.85
N LEU A 395 14.99 14.98 7.89
CA LEU A 395 13.63 14.48 7.86
C LEU A 395 12.61 15.59 7.73
N SER A 396 12.97 16.79 8.19
CA SER A 396 12.07 17.93 8.12
C SER A 396 11.73 18.30 6.68
N ASN A 397 12.58 17.87 5.74
CA ASN A 397 12.35 18.14 4.34
C ASN A 397 12.09 16.86 3.54
N ALA A 398 12.87 15.84 3.85
CA ALA A 398 12.80 14.55 3.18
C ALA A 398 11.46 13.81 3.28
N LEU A 399 10.69 14.07 4.32
CA LEU A 399 9.43 13.38 4.49
C LEU A 399 8.43 13.74 3.42
N ALA A 400 8.28 15.04 3.14
CA ALA A 400 7.34 15.49 2.13
C ALA A 400 7.78 15.05 0.74
N THR A 401 9.08 14.93 0.52
CA THR A 401 9.61 14.53 -0.79
C THR A 401 9.30 13.08 -1.16
N THR A 402 8.67 12.35 -0.23
CA THR A 402 8.28 10.97 -0.48
C THR A 402 6.97 11.04 -1.28
N THR A 403 6.32 12.21 -1.21
CA THR A 403 5.03 12.53 -1.86
C THR A 403 3.84 11.88 -1.18
N TYR A 404 4.10 11.12 -0.12
CA TYR A 404 3.03 10.43 0.59
C TYR A 404 1.94 11.30 1.20
N TYR A 405 2.29 12.52 1.65
CA TYR A 405 1.27 13.41 2.21
C TYR A 405 0.37 13.82 1.04
N TYR A 406 1.01 14.06 -0.09
CA TYR A 406 0.36 14.46 -1.33
C TYR A 406 -0.50 13.34 -1.92
N LEU A 407 0.04 12.12 -1.99
CA LEU A 407 -0.68 10.96 -2.53
C LEU A 407 -1.87 10.58 -1.67
N ALA A 408 -1.68 10.60 -0.36
CA ALA A 408 -2.74 10.27 0.58
C ALA A 408 -3.90 11.27 0.42
N THR A 409 -3.57 12.54 0.25
CA THR A 409 -4.57 13.59 0.07
C THR A 409 -5.32 13.37 -1.24
N THR A 410 -4.56 13.02 -2.27
CA THR A 410 -5.11 12.75 -3.59
C THR A 410 -6.09 11.57 -3.54
N SER A 411 -5.79 10.60 -2.66
CA SER A 411 -6.62 9.41 -2.48
C SER A 411 -8.08 9.74 -2.21
N TYR A 412 -8.30 10.75 -1.39
CA TYR A 412 -9.64 11.15 -1.00
C TYR A 412 -10.44 11.87 -2.08
N LEU A 413 -9.74 12.38 -3.10
CA LEU A 413 -10.40 13.12 -4.17
C LEU A 413 -11.54 12.38 -4.85
N GLY A 414 -11.30 11.14 -5.25
CA GLY A 414 -12.31 10.35 -5.93
C GLY A 414 -13.27 9.60 -5.03
N MET A 415 -12.96 9.53 -3.74
CA MET A 415 -13.79 8.84 -2.78
C MET A 415 -15.05 9.66 -2.49
N LYS A 416 -16.12 9.31 -3.19
CA LYS A 416 -17.41 10.00 -3.12
C LYS A 416 -17.95 10.35 -1.72
N SER A 417 -17.45 9.70 -0.69
CA SER A 417 -17.91 9.96 0.66
C SER A 417 -16.99 10.81 1.53
N ALA A 418 -15.80 11.13 1.03
CA ALA A 418 -14.83 11.95 1.77
C ALA A 418 -15.35 13.38 1.95
N THR A 419 -15.45 13.81 3.21
CA THR A 419 -15.94 15.16 3.55
C THR A 419 -14.81 16.16 3.80
N GLU A 420 -15.19 17.42 4.03
CA GLU A 420 -14.23 18.50 4.30
C GLU A 420 -13.52 18.23 5.62
N GLN A 421 -14.26 17.66 6.56
CA GLN A 421 -13.74 17.33 7.89
C GLN A 421 -12.66 16.26 7.78
N ASP A 422 -12.83 15.34 6.83
CA ASP A 422 -11.87 14.27 6.63
C ASP A 422 -10.56 14.88 6.10
N PHE A 423 -10.69 15.83 5.19
CA PHE A 423 -9.52 16.52 4.62
C PHE A 423 -8.89 17.40 5.69
N GLU A 424 -9.74 17.87 6.59
CA GLU A 424 -9.33 18.71 7.70
C GLU A 424 -8.42 17.91 8.62
N TRP A 425 -8.88 16.73 8.99
CA TRP A 425 -8.14 15.82 9.86
C TRP A 425 -6.78 15.46 9.27
N LEU A 426 -6.80 15.14 7.97
CA LEU A 426 -5.60 14.74 7.23
C LEU A 426 -4.54 15.84 7.14
N SER A 427 -5.01 17.09 7.04
CA SER A 427 -4.12 18.24 6.92
C SER A 427 -3.25 18.46 8.15
N LYS A 428 -3.71 17.96 9.29
CA LYS A 428 -2.98 18.11 10.55
C LYS A 428 -1.80 17.13 10.70
N ASN A 429 -1.51 16.38 9.63
CA ASN A 429 -0.45 15.37 9.66
C ASN A 429 -0.66 14.39 10.80
N PRO A 430 -1.77 13.63 10.75
CA PRO A 430 -2.08 12.65 11.79
C PRO A 430 -0.96 11.61 11.91
N LYS A 431 -0.88 10.95 13.06
CA LYS A 431 0.17 9.96 13.29
C LYS A 431 0.20 8.77 12.34
N ILE A 432 -0.97 8.30 11.93
CA ILE A 432 -1.02 7.15 11.02
C ILE A 432 -0.41 7.55 9.67
N LEU A 433 -0.74 8.77 9.22
CA LEU A 433 -0.22 9.31 7.97
C LEU A 433 1.28 9.54 8.11
N GLU A 434 1.66 10.18 9.22
CA GLU A 434 3.06 10.47 9.52
C GLU A 434 3.90 9.19 9.49
N ALA A 435 3.35 8.11 10.04
CA ALA A 435 4.03 6.82 10.09
C ALA A 435 4.21 6.20 8.70
N SER A 436 3.19 6.35 7.85
CA SER A 436 3.25 5.83 6.49
C SER A 436 4.37 6.53 5.72
N VAL A 437 4.45 7.86 5.89
CA VAL A 437 5.46 8.69 5.24
C VAL A 437 6.87 8.32 5.70
N ILE A 438 7.00 8.04 6.98
CA ILE A 438 8.28 7.67 7.56
C ILE A 438 8.80 6.35 7.00
N ILE A 439 7.89 5.37 6.89
CA ILE A 439 8.24 4.06 6.37
C ILE A 439 8.76 4.19 4.94
N CYS A 440 8.06 5.00 4.14
CA CYS A 440 8.45 5.22 2.76
C CYS A 440 9.85 5.82 2.68
N ARG A 441 10.05 6.91 3.42
CA ARG A 441 11.33 7.62 3.46
C ARG A 441 12.46 6.70 3.89
N VAL A 442 12.31 6.10 5.06
CA VAL A 442 13.30 5.21 5.63
C VAL A 442 13.68 4.00 4.76
N ILE A 443 12.70 3.35 4.17
CA ILE A 443 12.95 2.19 3.32
C ILE A 443 13.64 2.62 2.04
N ASP A 444 13.16 3.73 1.47
CA ASP A 444 13.73 4.27 0.26
C ASP A 444 15.20 4.59 0.49
N ASP A 445 15.50 5.24 1.61
CA ASP A 445 16.86 5.64 1.95
C ASP A 445 17.84 4.49 2.13
N THR A 446 17.36 3.38 2.68
CA THR A 446 18.20 2.20 2.89
C THR A 446 18.51 1.52 1.54
N ALA A 447 17.50 1.48 0.68
CA ALA A 447 17.63 0.86 -0.63
C ALA A 447 18.49 1.70 -1.57
N THR A 448 18.04 2.92 -1.84
CA THR A 448 18.74 3.82 -2.74
C THR A 448 20.00 4.48 -2.20
N TYR A 449 20.46 4.10 -1.01
CA TYR A 449 21.65 4.72 -0.46
C TYR A 449 22.90 4.59 -1.33
N GLU A 450 23.43 3.36 -1.42
CA GLU A 450 24.65 3.08 -2.20
C GLU A 450 24.66 3.70 -3.59
N VAL A 451 23.47 3.82 -4.18
CA VAL A 451 23.33 4.39 -5.52
C VAL A 451 23.50 5.91 -5.52
N GLU A 452 22.67 6.60 -4.75
CA GLU A 452 22.71 8.06 -4.65
C GLU A 452 24.06 8.59 -4.15
N LYS A 453 24.76 7.78 -3.36
CA LYS A 453 26.06 8.14 -2.81
C LYS A 453 27.04 8.40 -3.95
N SER A 454 27.07 7.48 -4.92
CA SER A 454 27.94 7.57 -6.09
C SER A 454 27.54 8.68 -7.04
N ARG A 455 26.39 9.29 -6.79
CA ARG A 455 25.90 10.38 -7.63
C ARG A 455 26.18 11.74 -6.97
N GLY A 456 26.87 11.71 -5.83
CA GLY A 456 27.21 12.94 -5.14
C GLY A 456 26.13 13.46 -4.21
N GLN A 457 25.07 12.69 -4.00
CA GLN A 457 23.99 13.09 -3.12
C GLN A 457 24.36 12.86 -1.66
N ILE A 458 25.16 13.74 -1.09
CA ILE A 458 25.53 13.59 0.31
C ILE A 458 24.39 14.06 1.21
N ALA A 459 23.25 14.35 0.59
CA ALA A 459 22.05 14.81 1.29
C ALA A 459 21.12 13.64 1.63
N THR A 460 21.53 12.42 1.28
CA THR A 460 20.73 11.21 1.54
C THR A 460 20.63 10.94 3.02
N GLY A 461 19.52 10.32 3.41
CA GLY A 461 19.27 10.00 4.81
C GLY A 461 20.32 9.22 5.57
N ILE A 462 20.75 8.09 5.00
CA ILE A 462 21.75 7.25 5.66
C ILE A 462 23.07 8.01 5.88
N GLU A 463 23.35 8.97 5.00
CA GLU A 463 24.55 9.78 5.10
C GLU A 463 24.44 10.75 6.28
N CYS A 464 23.27 11.37 6.42
CA CYS A 464 23.00 12.30 7.50
C CYS A 464 22.99 11.58 8.85
N CYS A 465 22.49 10.34 8.85
CA CYS A 465 22.41 9.52 10.05
C CYS A 465 23.80 9.08 10.53
N MET A 466 24.72 8.88 9.59
CA MET A 466 26.08 8.48 9.91
C MET A 466 26.88 9.66 10.49
N ARG A 467 26.75 10.83 9.87
CA ARG A 467 27.45 12.04 10.30
C ARG A 467 26.89 12.58 11.63
N ASP A 468 25.58 12.48 11.79
CA ASP A 468 24.93 12.96 13.01
C ASP A 468 25.29 12.14 14.23
N TYR A 469 25.01 10.83 14.20
CA TYR A 469 25.29 9.94 15.33
C TYR A 469 26.72 9.42 15.39
N GLY A 470 27.51 9.70 14.34
CA GLY A 470 28.88 9.24 14.30
C GLY A 470 28.95 7.72 14.31
N ILE A 471 28.16 7.12 13.43
CA ILE A 471 28.06 5.66 13.31
C ILE A 471 28.30 5.19 11.86
N SER A 472 28.52 3.89 11.70
CA SER A 472 28.77 3.31 10.37
C SER A 472 27.50 3.17 9.54
N THR A 473 27.64 2.61 8.35
CA THR A 473 26.51 2.42 7.45
C THR A 473 25.51 1.42 8.01
N LYS A 474 26.00 0.29 8.51
CA LYS A 474 25.14 -0.74 9.09
C LYS A 474 24.28 -0.21 10.23
N GLU A 475 24.93 0.45 11.18
CA GLU A 475 24.25 1.01 12.34
C GLU A 475 23.17 1.99 11.93
N ALA A 476 23.50 2.82 10.94
CA ALA A 476 22.58 3.82 10.44
C ALA A 476 21.36 3.16 9.82
N MET A 477 21.60 2.14 9.00
CA MET A 477 20.51 1.42 8.36
C MET A 477 19.70 0.66 9.39
N ALA A 478 20.36 0.22 10.46
CA ALA A 478 19.70 -0.50 11.53
C ALA A 478 18.81 0.48 12.30
N LYS A 479 19.31 1.69 12.53
CA LYS A 479 18.55 2.72 13.24
C LYS A 479 17.32 3.10 12.43
N PHE A 480 17.46 3.09 11.11
CA PHE A 480 16.36 3.41 10.23
C PHE A 480 15.32 2.29 10.22
N GLN A 481 15.80 1.05 10.27
CA GLN A 481 14.92 -0.10 10.29
C GLN A 481 14.02 -0.05 11.52
N ASN A 482 14.59 0.36 12.65
CA ASN A 482 13.83 0.47 13.90
C ASN A 482 12.79 1.58 13.82
N MET A 483 13.06 2.57 12.96
CA MET A 483 12.15 3.68 12.77
C MET A 483 10.92 3.19 12.02
N ALA A 484 11.14 2.25 11.09
CA ALA A 484 10.06 1.67 10.31
C ALA A 484 9.22 0.71 11.16
N GLU A 485 9.85 0.03 12.12
CA GLU A 485 9.16 -0.89 13.02
C GLU A 485 8.27 -0.07 13.93
N THR A 486 8.81 1.03 14.44
CA THR A 486 8.09 1.94 15.32
C THR A 486 6.93 2.52 14.54
N ALA A 487 7.18 2.84 13.27
CA ALA A 487 6.17 3.40 12.38
C ALA A 487 5.01 2.43 12.13
N TRP A 488 5.33 1.14 11.96
CA TRP A 488 4.29 0.12 11.75
C TRP A 488 3.42 -0.08 12.98
N LYS A 489 4.04 -0.05 14.16
CA LYS A 489 3.31 -0.22 15.41
C LYS A 489 2.35 0.94 15.56
N ASP A 490 2.75 2.09 15.02
CA ASP A 490 1.92 3.30 15.08
C ASP A 490 0.75 3.22 14.10
N ILE A 491 0.97 2.59 12.95
CA ILE A 491 -0.09 2.43 11.96
C ILE A 491 -1.12 1.48 12.54
N ASN A 492 -0.64 0.37 13.09
CA ASN A 492 -1.49 -0.63 13.70
C ASN A 492 -2.36 -0.03 14.81
N GLU A 493 -1.75 0.84 15.61
CA GLU A 493 -2.45 1.51 16.70
C GLU A 493 -3.45 2.51 16.15
N GLY A 494 -3.11 3.14 15.02
CA GLY A 494 -3.97 4.13 14.41
C GLY A 494 -5.25 3.57 13.82
N LEU A 495 -5.30 2.24 13.69
CA LEU A 495 -6.47 1.56 13.14
C LEU A 495 -7.48 1.15 14.21
N LEU A 496 -7.07 1.22 15.48
CA LEU A 496 -7.93 0.83 16.59
C LEU A 496 -9.04 1.84 16.86
N ARG A 497 -10.24 1.31 17.12
CA ARG A 497 -11.40 2.13 17.41
C ARG A 497 -11.24 2.75 18.78
N PRO A 498 -11.77 3.97 18.97
CA PRO A 498 -12.47 4.76 17.95
C PRO A 498 -11.48 5.40 16.99
N THR A 499 -11.67 5.14 15.70
CA THR A 499 -10.79 5.71 14.70
C THR A 499 -11.15 7.17 14.53
N PRO A 500 -10.15 8.02 14.25
CA PRO A 500 -10.31 9.46 14.07
C PRO A 500 -11.32 9.79 12.97
N VAL A 501 -11.31 8.98 11.92
CA VAL A 501 -12.20 9.10 10.77
C VAL A 501 -12.59 7.68 10.36
N SER A 502 -13.53 7.54 9.42
CA SER A 502 -13.95 6.22 8.97
C SER A 502 -12.76 5.42 8.46
N THR A 503 -12.77 4.13 8.77
CA THR A 503 -11.71 3.21 8.36
C THR A 503 -11.45 3.36 6.88
N GLU A 504 -12.51 3.69 6.15
CA GLU A 504 -12.47 3.88 4.71
C GLU A 504 -11.36 4.86 4.30
N PHE A 505 -11.03 5.79 5.18
CA PHE A 505 -10.02 6.77 4.89
C PHE A 505 -8.68 6.47 5.53
N LEU A 506 -8.60 5.36 6.25
CA LEU A 506 -7.35 4.95 6.89
C LEU A 506 -6.66 3.91 6.02
N THR A 507 -7.46 3.04 5.40
CA THR A 507 -6.94 1.98 4.55
C THR A 507 -5.98 2.47 3.47
N PRO A 508 -6.33 3.58 2.77
CA PRO A 508 -5.44 4.10 1.72
C PRO A 508 -4.04 4.39 2.27
N ILE A 509 -4.01 4.96 3.47
CA ILE A 509 -2.76 5.29 4.15
C ILE A 509 -2.02 4.00 4.47
N LEU A 510 -2.77 3.00 4.94
CA LEU A 510 -2.20 1.70 5.28
C LEU A 510 -1.62 1.07 4.02
N ASN A 511 -2.38 1.15 2.93
CA ASN A 511 -1.97 0.60 1.64
C ASN A 511 -0.73 1.28 1.06
N LEU A 512 -0.58 2.58 1.32
CA LEU A 512 0.60 3.31 0.83
C LEU A 512 1.87 2.73 1.45
N ALA A 513 1.78 2.35 2.73
CA ALA A 513 2.92 1.78 3.45
C ALA A 513 3.22 0.37 2.96
N ARG A 514 2.18 -0.34 2.57
CA ARG A 514 2.31 -1.71 2.08
C ARG A 514 3.01 -1.73 0.73
N ILE A 515 2.65 -0.77 -0.10
CA ILE A 515 3.26 -0.61 -1.43
C ILE A 515 4.77 -0.39 -1.31
N VAL A 516 5.19 0.37 -0.31
CA VAL A 516 6.60 0.66 -0.07
C VAL A 516 7.29 -0.66 0.22
N GLU A 517 6.73 -1.40 1.16
CA GLU A 517 7.26 -2.70 1.58
C GLU A 517 7.39 -3.65 0.39
N VAL A 518 6.38 -3.64 -0.47
CA VAL A 518 6.33 -4.49 -1.66
C VAL A 518 7.29 -4.07 -2.78
N THR A 519 7.48 -2.77 -2.98
CA THR A 519 8.36 -2.25 -4.02
C THR A 519 9.85 -2.39 -3.69
N TYR A 520 10.22 -2.10 -2.46
CA TYR A 520 11.62 -2.20 -2.03
C TYR A 520 11.91 -3.44 -1.23
N ILE A 521 11.35 -4.58 -1.66
CA ILE A 521 11.58 -5.83 -0.98
C ILE A 521 13.07 -6.17 -1.01
N HIS A 522 13.63 -6.42 0.18
CA HIS A 522 15.04 -6.73 0.34
C HIS A 522 15.91 -5.54 -0.04
N ASN A 523 15.97 -4.59 0.89
CA ASN A 523 16.72 -3.35 0.76
C ASN A 523 18.09 -3.44 1.44
N HIS A 529 16.35 -3.37 -6.21
CA HIS A 529 16.24 -3.16 -7.70
C HIS A 529 14.82 -2.68 -8.09
N PRO A 530 14.73 -1.87 -9.18
CA PRO A 530 13.52 -1.24 -9.79
C PRO A 530 12.31 -2.07 -10.25
N GLU A 531 11.77 -1.66 -11.41
CA GLU A 531 10.59 -2.25 -12.06
C GLU A 531 10.72 -3.74 -12.26
N LYS A 532 11.88 -4.28 -11.91
CA LYS A 532 12.15 -5.70 -12.01
C LYS A 532 11.35 -6.39 -10.91
N VAL A 533 11.07 -5.63 -9.85
CA VAL A 533 10.31 -6.13 -8.71
C VAL A 533 8.82 -6.05 -8.99
N LEU A 534 8.42 -5.01 -9.72
CA LEU A 534 7.00 -4.78 -10.05
C LEU A 534 6.47 -5.55 -11.24
N LYS A 535 7.36 -5.94 -12.15
CA LYS A 535 6.99 -6.67 -13.35
C LYS A 535 6.09 -7.88 -13.09
N PRO A 536 6.54 -8.83 -12.25
CA PRO A 536 5.73 -10.02 -11.96
C PRO A 536 4.32 -9.68 -11.45
N HIS A 537 4.23 -8.69 -10.56
CA HIS A 537 2.96 -8.27 -9.99
C HIS A 537 2.00 -7.71 -11.02
N ILE A 538 2.56 -6.91 -11.93
CA ILE A 538 1.80 -6.28 -13.00
C ILE A 538 1.24 -7.34 -13.96
N ILE A 539 2.07 -8.33 -14.26
CA ILE A 539 1.67 -9.42 -15.16
C ILE A 539 0.54 -10.23 -14.51
N ASN A 540 0.76 -10.62 -13.27
CA ASN A 540 -0.22 -11.41 -12.54
C ASN A 540 -1.50 -10.66 -12.23
N LEU A 541 -1.44 -9.33 -12.16
CA LEU A 541 -2.62 -8.53 -11.86
C LEU A 541 -3.33 -7.89 -13.04
N LEU A 542 -2.58 -7.50 -14.08
CA LEU A 542 -3.19 -6.82 -15.21
C LEU A 542 -3.06 -7.49 -16.58
N VAL A 543 -2.14 -8.43 -16.70
CA VAL A 543 -1.95 -9.14 -17.96
C VAL A 543 -2.68 -10.48 -17.92
N ASP A 544 -2.14 -11.44 -17.16
CA ASP A 544 -2.72 -12.78 -17.05
C ASP A 544 -3.93 -12.86 -16.14
N SER A 545 -4.97 -13.54 -16.61
CA SER A 545 -6.18 -13.77 -15.83
C SER A 545 -6.00 -15.10 -15.11
N ILE A 546 -6.81 -15.37 -14.09
CA ILE A 546 -6.70 -16.64 -13.36
C ILE A 546 -7.42 -17.77 -14.11
N LYS A 547 -6.69 -18.84 -14.42
CA LYS A 547 -7.22 -20.00 -15.13
C LYS A 547 -8.31 -20.66 -14.30
N ILE A 548 -9.50 -20.79 -14.90
CA ILE A 548 -10.62 -21.42 -14.20
C ILE A 548 -10.66 -22.92 -14.41
#